data_4N67
#
_entry.id   4N67
#
_cell.length_a   40.450
_cell.length_b   64.070
_cell.length_c   97.600
_cell.angle_alpha   90.00
_cell.angle_beta   90.00
_cell.angle_gamma   90.00
#
_symmetry.space_group_name_H-M   'P 21 21 21'
#
loop_
_entity.id
_entity.type
_entity.pdbx_description
1 polymer 'Putative cell filamentation protein'
2 non-polymer "ADENOSINE-5'-DIPHOSPHATE"
3 non-polymer 'MAGNESIUM ION'
4 water water
#
_entity_poly.entity_id   1
_entity_poly.type   'polypeptide(L)'
_entity_poly.pdbx_seq_one_letter_code
;MAHHHHHHMEHNYFYKNSATLKNKHGIKNPRKLYERCAHETAREAVNFRLEPPPGKFDAAYLRTIHWCLFHKTFEWAGVT
RDQPFTFEDGSTACMPAMRPKGYKVPFAVGSQIQRELKKLEQRLTAKNNLQGLSRQEFAANAAEVFTALDHAHPFRKGNG
RTQRMFMEKLGQAAGYKIDFSLITKERMTYASIEAMQHNNPEPMKDLFEDITHPQKSLLLKEFISQM
;
_entity_poly.pdbx_strand_id   A
#
loop_
_chem_comp.id
_chem_comp.type
_chem_comp.name
_chem_comp.formula
ADP non-polymer ADENOSINE-5'-DIPHOSPHATE 'C10 H15 N5 O10 P2'
MG non-polymer 'MAGNESIUM ION' 'Mg 2'
#
# COMPACT_ATOMS: atom_id res chain seq x y z
N HIS A 8 14.19 18.43 7.98
CA HIS A 8 14.23 19.53 6.98
C HIS A 8 13.68 19.07 5.64
N MET A 9 14.07 17.86 5.23
CA MET A 9 13.84 17.42 3.86
C MET A 9 12.38 17.08 3.58
N GLU A 10 11.57 16.89 4.62
CA GLU A 10 10.17 16.55 4.38
C GLU A 10 9.39 17.74 3.80
N HIS A 11 9.83 18.97 4.05
CA HIS A 11 9.12 20.13 3.51
C HIS A 11 9.21 20.19 1.98
N ASN A 12 10.25 19.56 1.42
CA ASN A 12 10.52 19.59 0.00
C ASN A 12 9.52 18.73 -0.79
N TYR A 13 8.65 18.00 -0.08
CA TYR A 13 7.53 17.33 -0.77
C TYR A 13 6.44 18.29 -1.22
N PHE A 14 6.40 19.49 -0.66
CA PHE A 14 5.34 20.46 -0.90
C PHE A 14 5.85 21.64 -1.68
N TYR A 15 4.95 22.30 -2.42
CA TYR A 15 5.28 23.61 -3.01
C TYR A 15 5.57 24.60 -1.87
N LYS A 16 6.36 25.60 -2.17
CA LYS A 16 6.79 26.61 -1.20
C LYS A 16 5.59 27.23 -0.50
N ASN A 17 5.62 27.20 0.83
CA ASN A 17 4.56 27.80 1.67
C ASN A 17 3.15 27.28 1.38
N SER A 18 3.03 25.99 1.08
CA SER A 18 1.76 25.40 0.67
C SER A 18 1.58 24.06 1.38
N ALA A 19 0.34 23.60 1.45
CA ALA A 19 0.01 22.25 1.91
C ALA A 19 -0.28 21.32 0.73
N THR A 20 0.08 21.77 -0.47
CA THR A 20 -0.10 20.95 -1.67
C THR A 20 1.20 20.22 -2.05
N LEU A 21 1.10 18.91 -2.10
CA LEU A 21 2.21 18.07 -2.53
C LEU A 21 2.58 18.40 -3.96
N LYS A 22 3.88 18.52 -4.22
CA LYS A 22 4.37 18.65 -5.58
C LYS A 22 3.80 17.51 -6.43
N ASN A 23 3.33 17.83 -7.62
CA ASN A 23 2.67 16.84 -8.46
C ASN A 23 2.87 17.18 -9.92
N LYS A 24 2.54 16.23 -10.78
N LYS A 24 2.55 16.23 -10.78
CA LYS A 24 2.76 16.37 -12.22
CA LYS A 24 2.75 16.36 -12.22
C LYS A 24 1.53 16.86 -12.97
C LYS A 24 1.52 16.82 -12.98
N HIS A 25 0.43 17.10 -12.26
CA HIS A 25 -0.84 17.43 -12.88
C HIS A 25 -1.06 18.91 -13.14
N GLY A 26 -0.20 19.78 -12.64
CA GLY A 26 -0.37 21.22 -12.75
C GLY A 26 -1.36 21.81 -11.76
N ILE A 27 -1.56 21.09 -10.64
CA ILE A 27 -2.59 21.44 -9.67
C ILE A 27 -1.92 22.05 -8.42
N LYS A 28 -2.46 23.19 -7.97
CA LYS A 28 -1.96 23.83 -6.74
C LYS A 28 -2.93 23.78 -5.59
N ASN A 29 -4.17 23.39 -5.86
CA ASN A 29 -5.24 23.33 -4.87
C ASN A 29 -5.19 21.92 -4.26
N PRO A 30 -5.00 21.82 -2.92
CA PRO A 30 -4.84 20.48 -2.33
C PRO A 30 -6.05 19.55 -2.50
N ARG A 31 -7.25 20.12 -2.42
N ARG A 31 -7.27 20.07 -2.39
CA ARG A 31 -8.49 19.39 -2.62
CA ARG A 31 -8.42 19.21 -2.56
C ARG A 31 -8.61 18.84 -4.04
C ARG A 31 -8.56 18.71 -3.99
N LYS A 32 -8.30 19.70 -5.01
N LYS A 32 -8.27 19.60 -4.92
CA LYS A 32 -8.35 19.28 -6.42
CA LYS A 32 -8.37 19.26 -6.33
C LYS A 32 -7.32 18.20 -6.68
C LYS A 32 -7.33 18.20 -6.68
N LEU A 33 -6.13 18.32 -6.10
CA LEU A 33 -5.10 17.29 -6.28
C LEU A 33 -5.59 15.94 -5.75
N TYR A 34 -6.13 15.95 -4.54
N TYR A 34 -6.14 15.94 -4.54
CA TYR A 34 -6.68 14.73 -3.94
CA TYR A 34 -6.65 14.71 -3.97
C TYR A 34 -7.69 14.07 -4.87
C TYR A 34 -7.68 14.06 -4.88
N GLU A 35 -8.64 14.84 -5.36
CA GLU A 35 -9.68 14.28 -6.22
C GLU A 35 -9.14 13.77 -7.56
N ARG A 36 -8.26 14.55 -8.17
CA ARG A 36 -7.65 14.11 -9.44
C ARG A 36 -6.86 12.82 -9.23
N CYS A 37 -6.06 12.79 -8.18
CA CYS A 37 -5.26 11.61 -7.86
C CYS A 37 -6.11 10.39 -7.51
N ALA A 38 -7.17 10.60 -6.76
CA ALA A 38 -8.07 9.50 -6.43
C ALA A 38 -8.61 8.87 -7.72
N HIS A 39 -9.04 9.72 -8.67
CA HIS A 39 -9.59 9.26 -9.93
C HIS A 39 -8.55 8.53 -10.79
N GLU A 40 -7.34 9.08 -10.83
CA GLU A 40 -6.29 8.46 -11.60
C GLU A 40 -5.82 7.17 -11.01
N THR A 41 -5.62 7.12 -9.70
CA THR A 41 -5.17 5.86 -9.08
C THR A 41 -6.24 4.76 -9.20
N ALA A 42 -7.52 5.12 -9.16
CA ALA A 42 -8.58 4.14 -9.37
C ALA A 42 -8.50 3.57 -10.77
N ARG A 43 -8.30 4.43 -11.76
CA ARG A 43 -8.18 4.00 -13.14
C ARG A 43 -6.94 3.14 -13.37
N GLU A 44 -5.81 3.55 -12.79
CA GLU A 44 -4.60 2.77 -12.91
C GLU A 44 -4.77 1.42 -12.26
N ALA A 45 -5.53 1.35 -11.18
CA ALA A 45 -5.79 0.04 -10.55
C ALA A 45 -6.62 -0.88 -11.46
N VAL A 46 -7.64 -0.33 -12.13
CA VAL A 46 -8.42 -1.12 -13.05
C VAL A 46 -7.50 -1.70 -14.12
N ASN A 47 -6.59 -0.88 -14.65
CA ASN A 47 -5.74 -1.33 -15.74
C ASN A 47 -4.67 -2.31 -15.24
N PHE A 48 -4.15 -2.06 -14.04
CA PHE A 48 -3.11 -2.92 -13.45
C PHE A 48 -3.64 -4.31 -13.14
N ARG A 49 -4.93 -4.41 -12.86
CA ARG A 49 -5.54 -5.73 -12.59
C ARG A 49 -5.41 -6.69 -13.77
N LEU A 50 -5.28 -6.18 -14.99
CA LEU A 50 -5.10 -7.01 -16.19
C LEU A 50 -3.73 -7.67 -16.27
N GLU A 51 -2.76 -7.19 -15.49
CA GLU A 51 -1.42 -7.76 -15.50
C GLU A 51 -1.35 -9.05 -14.68
N PRO A 52 -0.55 -10.02 -15.15
CA PRO A 52 -0.43 -11.27 -14.38
C PRO A 52 0.31 -11.08 -13.08
N PRO A 53 -0.10 -11.81 -12.02
CA PRO A 53 0.68 -11.80 -10.79
C PRO A 53 2.09 -12.30 -11.07
N PRO A 54 3.10 -11.73 -10.38
CA PRO A 54 4.48 -12.17 -10.51
C PRO A 54 4.72 -13.49 -9.77
N GLY A 55 5.86 -14.12 -10.03
CA GLY A 55 6.31 -15.28 -9.26
C GLY A 55 6.85 -14.90 -7.89
N LYS A 56 7.40 -13.68 -7.79
CA LYS A 56 7.94 -13.17 -6.52
C LYS A 56 7.14 -11.96 -6.02
N PHE A 57 6.63 -12.09 -4.80
CA PHE A 57 5.88 -10.99 -4.17
C PHE A 57 6.84 -10.33 -3.19
N ASP A 58 7.63 -9.40 -3.72
CA ASP A 58 8.71 -8.81 -2.95
C ASP A 58 8.63 -7.29 -2.90
N ALA A 59 9.60 -6.66 -2.24
CA ALA A 59 9.59 -5.20 -2.13
C ALA A 59 9.63 -4.52 -3.50
N ALA A 60 10.37 -5.12 -4.42
CA ALA A 60 10.42 -4.59 -5.78
C ALA A 60 9.07 -4.58 -6.42
N TYR A 61 8.28 -5.62 -6.19
CA TYR A 61 6.94 -5.63 -6.75
C TYR A 61 6.07 -4.55 -6.10
N LEU A 62 6.19 -4.37 -4.78
CA LEU A 62 5.44 -3.32 -4.10
C LEU A 62 5.80 -1.96 -4.68
N ARG A 63 7.09 -1.75 -4.93
CA ARG A 63 7.50 -0.50 -5.57
C ARG A 63 6.93 -0.34 -6.97
N THR A 64 6.89 -1.42 -7.73
CA THR A 64 6.28 -1.40 -9.06
C THR A 64 4.80 -1.03 -9.00
N ILE A 65 4.05 -1.61 -8.08
CA ILE A 65 2.67 -1.22 -7.93
C ILE A 65 2.52 0.25 -7.64
N HIS A 66 3.30 0.77 -6.68
CA HIS A 66 3.20 2.18 -6.33
C HIS A 66 3.54 3.02 -7.56
N TRP A 67 4.56 2.62 -8.31
CA TRP A 67 4.95 3.35 -9.51
C TRP A 67 3.78 3.36 -10.52
N CYS A 68 3.18 2.20 -10.76
N CYS A 68 3.20 2.19 -10.74
CA CYS A 68 2.09 2.14 -11.75
CA CYS A 68 2.14 2.09 -11.70
C CYS A 68 0.93 3.02 -11.31
C CYS A 68 0.95 2.96 -11.31
N LEU A 69 0.58 2.95 -10.03
CA LEU A 69 -0.56 3.72 -9.55
C LEU A 69 -0.29 5.23 -9.51
N PHE A 70 0.95 5.63 -9.25
CA PHE A 70 1.23 7.02 -8.92
C PHE A 70 2.16 7.76 -9.85
N HIS A 71 2.76 7.12 -10.84
CA HIS A 71 3.77 7.81 -11.63
C HIS A 71 3.27 9.00 -12.42
N LYS A 72 1.99 9.03 -12.79
CA LYS A 72 1.47 10.21 -13.48
C LYS A 72 1.17 11.35 -12.51
N THR A 73 1.18 11.08 -11.22
CA THR A 73 0.89 12.08 -10.19
C THR A 73 2.14 12.60 -9.50
N PHE A 74 3.01 11.69 -9.04
CA PHE A 74 4.19 12.07 -8.27
C PHE A 74 5.49 11.64 -8.94
N GLU A 75 6.48 12.56 -8.94
CA GLU A 75 7.82 12.26 -9.48
C GLU A 75 8.49 11.10 -8.74
N TRP A 76 8.17 10.99 -7.45
CA TRP A 76 8.76 9.96 -6.58
C TRP A 76 7.96 8.68 -6.54
N ALA A 77 7.01 8.46 -7.45
CA ALA A 77 6.27 7.20 -7.45
C ALA A 77 7.27 6.04 -7.51
N GLY A 78 7.00 5.02 -6.69
CA GLY A 78 7.85 3.83 -6.62
C GLY A 78 9.04 3.97 -5.69
N VAL A 79 9.25 5.14 -5.12
CA VAL A 79 10.43 5.39 -4.28
C VAL A 79 9.98 5.42 -2.82
N THR A 80 10.66 4.67 -1.97
CA THR A 80 10.30 4.62 -0.55
C THR A 80 10.83 5.84 0.18
N ARG A 81 10.19 6.18 1.29
CA ARG A 81 10.39 7.46 1.97
C ARG A 81 11.65 7.53 2.82
N ASP A 82 12.32 6.41 2.96
CA ASP A 82 13.61 6.37 3.62
C ASP A 82 14.71 6.89 2.69
N GLN A 83 14.45 6.85 1.38
CA GLN A 83 15.45 7.12 0.36
C GLN A 83 15.37 8.57 -0.07
N PRO A 84 16.50 9.27 -0.15
CA PRO A 84 16.44 10.64 -0.68
C PRO A 84 15.97 10.63 -2.11
N PHE A 85 15.09 11.57 -2.45
CA PHE A 85 14.57 11.67 -3.82
C PHE A 85 14.77 13.10 -4.28
N THR A 86 15.42 13.27 -5.42
CA THR A 86 15.64 14.62 -5.96
C THR A 86 14.65 14.91 -7.06
N PHE A 87 13.86 15.95 -6.86
CA PHE A 87 12.90 16.38 -7.85
C PHE A 87 13.59 17.06 -9.05
N GLU A 88 12.87 17.20 -10.14
CA GLU A 88 13.32 17.96 -11.28
C GLU A 88 13.71 19.40 -10.88
N ASP A 89 13.06 19.95 -9.85
CA ASP A 89 13.36 21.31 -9.37
C ASP A 89 14.66 21.41 -8.60
N GLY A 90 15.32 20.27 -8.40
CA GLY A 90 16.64 20.21 -7.77
C GLY A 90 16.66 20.02 -6.27
N SER A 91 15.50 20.06 -5.62
CA SER A 91 15.40 19.84 -4.19
C SER A 91 15.26 18.36 -3.90
N THR A 92 15.62 17.98 -2.67
CA THR A 92 15.63 16.58 -2.26
C THR A 92 14.72 16.38 -1.07
N ALA A 93 13.90 15.33 -1.13
CA ALA A 93 12.90 15.04 -0.08
C ALA A 93 13.02 13.61 0.40
N CYS A 94 12.66 13.42 1.66
CA CYS A 94 12.42 12.11 2.23
C CYS A 94 11.70 12.31 3.54
N MET A 95 11.22 11.21 4.12
CA MET A 95 10.52 11.27 5.38
C MET A 95 10.66 9.95 6.12
N PRO A 96 11.80 9.75 6.76
CA PRO A 96 12.08 8.47 7.38
C PRO A 96 11.19 8.14 8.55
N ALA A 97 10.63 9.15 9.19
CA ALA A 97 9.74 8.93 10.32
C ALA A 97 8.36 9.48 10.03
N MET A 98 7.33 8.64 10.23
N MET A 98 7.34 8.66 10.29
CA MET A 98 5.91 9.04 10.08
CA MET A 98 5.95 9.05 10.14
C MET A 98 5.10 8.38 11.19
C MET A 98 5.11 8.38 11.21
N ARG A 99 4.15 9.12 11.76
CA ARG A 99 3.27 8.64 12.83
C ARG A 99 1.85 9.09 12.48
N PRO A 100 0.86 8.19 12.53
CA PRO A 100 -0.49 8.66 12.19
C PRO A 100 -0.97 9.68 13.20
N LYS A 101 -1.63 10.73 12.71
CA LYS A 101 -2.24 11.76 13.57
C LYS A 101 -3.10 11.20 14.68
N GLY A 102 -2.98 11.76 15.88
CA GLY A 102 -3.78 11.37 16.99
C GLY A 102 -3.33 10.13 17.69
N TYR A 103 -2.29 9.48 17.16
CA TYR A 103 -1.90 8.20 17.69
C TYR A 103 -0.47 8.16 18.17
N LYS A 104 -0.22 7.22 19.08
CA LYS A 104 1.06 7.10 19.74
C LYS A 104 2.06 6.24 18.96
N VAL A 105 1.57 5.19 18.30
CA VAL A 105 2.45 4.19 17.68
C VAL A 105 2.77 4.63 16.25
N PRO A 106 4.07 4.82 15.96
CA PRO A 106 4.47 5.26 14.65
C PRO A 106 4.63 4.09 13.66
N PHE A 107 4.76 4.45 12.40
CA PHE A 107 5.17 3.51 11.35
C PHE A 107 6.66 3.22 11.48
N ALA A 108 7.14 2.29 10.67
CA ALA A 108 8.57 1.98 10.57
C ALA A 108 9.37 3.26 10.33
N VAL A 109 10.50 3.36 11.04
CA VAL A 109 11.38 4.50 10.91
C VAL A 109 12.65 4.15 10.15
N GLY A 110 12.94 4.95 9.13
CA GLY A 110 14.19 4.88 8.35
C GLY A 110 14.44 3.49 7.81
N SER A 111 15.59 2.91 8.14
CA SER A 111 15.95 1.56 7.64
C SER A 111 15.07 0.39 8.14
N GLN A 112 14.22 0.63 9.16
CA GLN A 112 13.22 -0.36 9.52
C GLN A 112 12.32 -0.69 8.32
N ILE A 113 12.13 0.27 7.43
CA ILE A 113 11.25 0.07 6.28
C ILE A 113 11.82 -1.06 5.45
N GLN A 114 13.11 -0.97 5.12
CA GLN A 114 13.74 -2.03 4.30
C GLN A 114 13.80 -3.36 5.02
N ARG A 115 14.12 -3.31 6.31
CA ARG A 115 14.23 -4.53 7.12
C ARG A 115 12.89 -5.25 7.22
N GLU A 116 11.81 -4.48 7.44
CA GLU A 116 10.50 -5.08 7.50
C GLU A 116 10.04 -5.66 6.16
N LEU A 117 10.31 -4.97 5.07
CA LEU A 117 9.93 -5.50 3.75
C LEU A 117 10.74 -6.76 3.46
N LYS A 118 12.03 -6.79 3.83
CA LYS A 118 12.85 -8.02 3.67
C LYS A 118 12.28 -9.18 4.46
N LYS A 119 11.90 -8.93 5.72
CA LYS A 119 11.31 -9.97 6.56
C LYS A 119 10.01 -10.51 5.98
N LEU A 120 9.19 -9.60 5.43
CA LEU A 120 7.95 -10.01 4.79
C LEU A 120 8.20 -10.87 3.55
N GLU A 121 9.17 -10.45 2.72
CA GLU A 121 9.58 -11.23 1.55
C GLU A 121 9.95 -12.64 1.93
N GLN A 122 10.79 -12.75 2.95
CA GLN A 122 11.23 -14.05 3.40
C GLN A 122 10.07 -14.91 3.93
N ARG A 123 9.15 -14.28 4.64
CA ARG A 123 7.99 -15.02 5.16
C ARG A 123 7.12 -15.51 3.99
N LEU A 124 6.92 -14.66 2.97
CA LEU A 124 6.11 -15.07 1.82
C LEU A 124 6.78 -16.21 1.07
N THR A 125 8.10 -16.14 0.91
CA THR A 125 8.81 -17.23 0.24
C THR A 125 8.68 -18.52 1.03
N ALA A 126 8.85 -18.43 2.34
CA ALA A 126 8.78 -19.64 3.17
C ALA A 126 7.40 -20.27 3.13
N LYS A 127 6.36 -19.44 3.01
CA LYS A 127 5.01 -19.93 2.97
C LYS A 127 4.49 -20.11 1.55
N ASN A 128 5.38 -20.18 0.58
CA ASN A 128 5.01 -20.41 -0.79
C ASN A 128 3.89 -19.45 -1.27
N ASN A 129 4.09 -18.17 -0.97
CA ASN A 129 3.15 -17.10 -1.33
C ASN A 129 1.72 -17.38 -0.92
N LEU A 130 1.58 -18.02 0.23
CA LEU A 130 0.28 -18.40 0.79
C LEU A 130 -0.55 -19.36 -0.04
N GLN A 131 0.08 -20.11 -0.94
CA GLN A 131 -0.59 -21.18 -1.67
C GLN A 131 -0.86 -22.39 -0.77
N GLY A 132 -1.86 -23.19 -1.12
CA GLY A 132 -2.12 -24.42 -0.43
C GLY A 132 -2.77 -24.28 0.93
N LEU A 133 -3.43 -23.16 1.17
CA LEU A 133 -4.10 -22.93 2.44
C LEU A 133 -5.60 -23.12 2.33
N SER A 134 -6.19 -23.44 3.46
CA SER A 134 -7.62 -23.41 3.63
C SER A 134 -8.06 -21.96 3.56
N ARG A 135 -9.35 -21.77 3.35
CA ARG A 135 -9.91 -20.43 3.29
C ARG A 135 -9.67 -19.63 4.58
N GLN A 136 -9.91 -20.27 5.71
CA GLN A 136 -9.70 -19.63 7.02
C GLN A 136 -8.22 -19.27 7.21
N GLU A 137 -7.34 -20.22 6.95
CA GLU A 137 -5.89 -19.98 7.04
C GLU A 137 -5.43 -18.87 6.10
N PHE A 138 -5.95 -18.89 4.88
CA PHE A 138 -5.52 -17.90 3.93
C PHE A 138 -5.89 -16.51 4.47
N ALA A 139 -7.13 -16.38 4.96
CA ALA A 139 -7.58 -15.08 5.50
C ALA A 139 -6.71 -14.62 6.64
N ALA A 140 -6.37 -15.51 7.55
CA ALA A 140 -5.55 -15.12 8.71
C ALA A 140 -4.15 -14.71 8.24
N ASN A 141 -3.60 -15.43 7.28
CA ASN A 141 -2.27 -15.15 6.83
C ASN A 141 -2.24 -13.87 6.01
N ALA A 142 -3.29 -13.65 5.22
CA ALA A 142 -3.37 -12.42 4.41
C ALA A 142 -3.44 -11.24 5.33
N ALA A 143 -4.19 -11.39 6.42
CA ALA A 143 -4.31 -10.29 7.40
C ALA A 143 -2.97 -9.96 8.04
N GLU A 144 -2.18 -11.00 8.35
CA GLU A 144 -0.83 -10.78 8.90
C GLU A 144 0.09 -10.07 7.89
N VAL A 145 0.00 -10.44 6.62
CA VAL A 145 0.81 -9.78 5.61
C VAL A 145 0.39 -8.30 5.56
N PHE A 146 -0.92 -8.06 5.59
CA PHE A 146 -1.42 -6.68 5.50
C PHE A 146 -0.98 -5.86 6.70
N THR A 147 -1.07 -6.41 7.89
CA THR A 147 -0.64 -5.62 9.06
C THR A 147 0.88 -5.34 8.98
N ALA A 148 1.66 -6.29 8.48
CA ALA A 148 3.09 -6.04 8.27
C ALA A 148 3.31 -4.90 7.29
N LEU A 149 2.57 -4.90 6.20
CA LEU A 149 2.66 -3.81 5.23
C LEU A 149 2.24 -2.47 5.84
N ASP A 150 1.17 -2.52 6.62
CA ASP A 150 0.65 -1.30 7.27
C ASP A 150 1.73 -0.66 8.11
N HIS A 151 2.42 -1.46 8.92
CA HIS A 151 3.43 -0.91 9.79
C HIS A 151 4.61 -0.38 9.00
N ALA A 152 5.02 -1.10 7.96
CA ALA A 152 6.17 -0.64 7.16
C ALA A 152 5.90 0.71 6.49
N HIS A 153 4.67 0.90 5.98
CA HIS A 153 4.22 2.16 5.42
C HIS A 153 5.30 2.79 4.54
N PRO A 154 5.74 2.09 3.49
CA PRO A 154 7.00 2.46 2.86
C PRO A 154 7.08 3.75 2.09
N PHE A 155 5.92 4.31 1.72
CA PHE A 155 5.86 5.48 0.85
C PHE A 155 5.39 6.74 1.58
N ARG A 156 5.75 7.87 1.01
CA ARG A 156 5.30 9.14 1.61
C ARG A 156 3.76 9.25 1.61
N LYS A 157 3.13 8.74 0.56
CA LYS A 157 1.69 8.70 0.42
C LYS A 157 1.33 7.59 -0.55
N GLY A 158 0.08 7.11 -0.49
CA GLY A 158 -0.39 6.08 -1.41
C GLY A 158 -0.16 4.68 -0.90
N ASN A 159 0.10 4.54 0.39
CA ASN A 159 0.37 3.21 0.94
C ASN A 159 -0.85 2.27 0.86
N GLY A 160 -2.03 2.79 1.21
CA GLY A 160 -3.20 1.93 1.25
C GLY A 160 -3.53 1.32 -0.11
N ARG A 161 -3.58 2.16 -1.13
N ARG A 161 -3.55 2.15 -1.14
CA ARG A 161 -3.98 1.73 -2.47
CA ARG A 161 -3.85 1.70 -2.48
C ARG A 161 -2.96 0.76 -3.05
C ARG A 161 -2.86 0.63 -2.94
CA THR A 162 -0.51 -0.01 -3.13
C THR A 162 -0.63 -1.31 -2.38
N GLN A 163 -0.84 -1.24 -1.07
CA GLN A 163 -0.91 -2.48 -0.25
C GLN A 163 -2.12 -3.31 -0.63
N ARG A 164 -3.25 -2.66 -0.86
CA ARG A 164 -4.47 -3.38 -1.27
C ARG A 164 -4.26 -4.08 -2.60
N MET A 165 -3.61 -3.43 -3.57
CA MET A 165 -3.35 -4.09 -4.85
C MET A 165 -2.38 -5.25 -4.68
N PHE A 166 -1.35 -5.08 -3.87
CA PHE A 166 -0.45 -6.17 -3.59
C PHE A 166 -1.23 -7.39 -3.10
N MET A 167 -2.16 -7.15 -2.17
CA MET A 167 -2.98 -8.26 -1.67
C MET A 167 -3.86 -8.87 -2.71
N GLU A 168 -4.45 -8.03 -3.58
CA GLU A 168 -5.29 -8.59 -4.63
C GLU A 168 -4.50 -9.57 -5.49
N LYS A 169 -3.28 -9.19 -5.85
N LYS A 169 -3.28 -9.17 -5.84
CA LYS A 169 -2.48 -10.02 -6.73
CA LYS A 169 -2.43 -9.95 -6.70
C LYS A 169 -1.91 -11.25 -6.01
C LYS A 169 -1.92 -11.22 -6.01
N LEU A 170 -1.51 -11.08 -4.76
CA LEU A 170 -1.08 -12.22 -3.93
C LEU A 170 -2.21 -13.24 -3.82
N GLY A 171 -3.41 -12.76 -3.52
CA GLY A 171 -4.59 -13.60 -3.47
C GLY A 171 -4.81 -14.36 -4.77
N GLN A 172 -4.76 -13.62 -5.87
CA GLN A 172 -5.01 -14.17 -7.19
C GLN A 172 -4.07 -15.32 -7.49
N ALA A 173 -2.80 -15.13 -7.17
CA ALA A 173 -1.84 -16.18 -7.43
C ALA A 173 -2.04 -17.39 -6.50
N ALA A 174 -2.70 -17.21 -5.36
CA ALA A 174 -2.94 -18.27 -4.37
C ALA A 174 -4.29 -18.93 -4.57
N GLY A 175 -5.05 -18.47 -5.57
CA GLY A 175 -6.39 -19.00 -5.87
C GLY A 175 -7.55 -18.33 -5.15
N TYR A 176 -7.33 -17.15 -4.60
CA TYR A 176 -8.40 -16.44 -3.87
C TYR A 176 -8.65 -15.05 -4.44
N LYS A 177 -9.92 -14.66 -4.54
CA LYS A 177 -10.29 -13.32 -4.95
C LYS A 177 -10.46 -12.49 -3.68
N ILE A 178 -9.70 -11.40 -3.55
CA ILE A 178 -9.82 -10.48 -2.42
C ILE A 178 -10.41 -9.20 -2.98
N ASP A 179 -11.58 -8.81 -2.46
CA ASP A 179 -12.36 -7.69 -3.03
C ASP A 179 -12.62 -6.61 -1.99
N PHE A 180 -11.79 -5.57 -1.99
CA PHE A 180 -11.86 -4.55 -0.95
C PHE A 180 -13.06 -3.65 -1.10
N SER A 181 -13.67 -3.69 -2.28
CA SER A 181 -14.89 -2.92 -2.57
C SER A 181 -16.08 -3.39 -1.74
N LEU A 182 -15.99 -4.59 -1.16
CA LEU A 182 -17.04 -5.13 -0.30
C LEU A 182 -17.17 -4.45 1.06
N ILE A 183 -16.20 -3.62 1.42
CA ILE A 183 -16.20 -2.94 2.71
C ILE A 183 -15.91 -1.46 2.53
N THR A 184 -16.14 -0.71 3.60
CA THR A 184 -15.93 0.73 3.61
C THR A 184 -14.50 1.05 3.99
N LYS A 185 -14.06 2.26 3.64
CA LYS A 185 -12.78 2.80 4.12
C LYS A 185 -12.73 2.79 5.65
N GLU A 186 -13.84 3.15 6.28
CA GLU A 186 -13.88 3.24 7.73
C GLU A 186 -13.57 1.90 8.37
N ARG A 187 -14.13 0.82 7.80
CA ARG A 187 -13.86 -0.49 8.33
C ARG A 187 -12.38 -0.88 8.16
N MET A 188 -11.82 -0.56 7.02
CA MET A 188 -10.39 -0.80 6.77
C MET A 188 -9.53 -0.02 7.77
N THR A 189 -9.82 1.27 7.93
CA THR A 189 -9.13 2.10 8.91
C THR A 189 -9.22 1.55 10.32
N TYR A 190 -10.43 1.19 10.75
CA TYR A 190 -10.64 0.60 12.05
C TYR A 190 -9.77 -0.63 12.23
N ALA A 191 -9.79 -1.53 11.25
CA ALA A 191 -9.03 -2.75 11.40
C ALA A 191 -7.52 -2.47 11.50
N SER A 192 -7.06 -1.51 10.71
CA SER A 192 -5.64 -1.09 10.70
C SER A 192 -5.21 -0.48 12.05
N ILE A 193 -6.06 0.38 12.58
CA ILE A 193 -5.83 0.97 13.89
C ILE A 193 -5.80 -0.08 14.99
N GLU A 194 -6.80 -0.96 15.03
CA GLU A 194 -6.80 -2.00 16.03
C GLU A 194 -5.53 -2.81 16.02
N ALA A 195 -5.05 -3.20 14.83
CA ALA A 195 -3.86 -4.02 14.76
C ALA A 195 -2.62 -3.27 15.22
N MET A 196 -2.42 -2.07 14.72
CA MET A 196 -1.15 -1.38 14.95
C MET A 196 -1.11 -0.55 16.26
N GLN A 197 -2.23 0.05 16.60
CA GLN A 197 -2.29 0.94 17.78
C GLN A 197 -2.67 0.16 19.03
N HIS A 198 -3.46 -0.89 18.87
CA HIS A 198 -4.05 -1.60 20.02
C HIS A 198 -3.70 -3.09 20.12
N ASN A 199 -2.80 -3.54 19.26
CA ASN A 199 -2.28 -4.91 19.31
C ASN A 199 -3.43 -5.91 19.25
N ASN A 200 -4.40 -5.61 18.40
CA ASN A 200 -5.58 -6.46 18.26
C ASN A 200 -5.72 -6.89 16.81
N PRO A 201 -5.29 -8.12 16.50
CA PRO A 201 -5.27 -8.60 15.13
C PRO A 201 -6.61 -9.13 14.63
N GLU A 202 -7.62 -9.24 15.50
CA GLU A 202 -8.88 -9.87 15.11
C GLU A 202 -9.69 -9.13 14.04
N PRO A 203 -9.84 -7.80 14.16
CA PRO A 203 -10.61 -7.11 13.14
C PRO A 203 -10.06 -7.28 11.73
N MET A 204 -8.74 -7.32 11.58
CA MET A 204 -8.15 -7.50 10.26
C MET A 204 -8.43 -8.89 9.72
N LYS A 205 -8.34 -9.90 10.58
CA LYS A 205 -8.67 -11.27 10.19
C LYS A 205 -10.11 -11.35 9.70
N ASP A 206 -11.03 -10.74 10.43
CA ASP A 206 -12.44 -10.78 10.07
C ASP A 206 -12.69 -10.08 8.74
N LEU A 207 -12.01 -8.95 8.55
CA LEU A 207 -12.08 -8.17 7.33
C LEU A 207 -11.68 -9.05 6.13
N PHE A 208 -10.55 -9.73 6.23
CA PHE A 208 -10.09 -10.56 5.11
C PHE A 208 -11.01 -11.75 4.88
N GLU A 209 -11.51 -12.36 5.94
CA GLU A 209 -12.55 -13.38 5.75
C GLU A 209 -13.73 -12.84 4.95
N ASP A 210 -14.19 -11.65 5.31
CA ASP A 210 -15.39 -11.10 4.74
C ASP A 210 -15.30 -10.69 3.28
N ILE A 211 -14.09 -10.43 2.79
CA ILE A 211 -13.92 -9.94 1.42
C ILE A 211 -13.24 -10.95 0.51
N THR A 212 -13.03 -12.17 0.98
CA THR A 212 -12.28 -13.17 0.19
C THR A 212 -13.16 -14.36 -0.16
N HIS A 213 -13.03 -14.85 -1.37
CA HIS A 213 -13.60 -16.16 -1.72
C HIS A 213 -12.64 -16.92 -2.63
N PRO A 214 -12.71 -18.26 -2.59
CA PRO A 214 -11.88 -19.01 -3.53
C PRO A 214 -12.32 -18.81 -4.97
N GLN A 215 -11.37 -18.70 -5.89
CA GLN A 215 -11.73 -18.52 -7.31
C GLN A 215 -12.28 -19.82 -7.91
N LYS A 216 -12.99 -19.70 -9.03
CA LYS A 216 -13.53 -20.88 -9.75
C LYS A 216 -12.52 -22.00 -9.95
N SER A 217 -11.34 -21.65 -10.43
CA SER A 217 -10.25 -22.61 -10.65
C SER A 217 -9.87 -23.38 -9.37
N LEU A 218 -9.78 -22.69 -8.25
CA LEU A 218 -9.47 -23.32 -6.97
C LEU A 218 -10.63 -24.23 -6.51
N LEU A 219 -11.86 -23.84 -6.83
CA LEU A 219 -13.04 -24.71 -6.61
C LEU A 219 -13.06 -25.91 -7.56
N LEU A 220 -12.94 -25.62 -8.86
CA LEU A 220 -12.99 -26.65 -9.89
C LEU A 220 -11.86 -27.69 -9.70
N LYS A 221 -10.73 -27.27 -9.14
CA LYS A 221 -9.65 -28.21 -8.77
C LYS A 221 -9.97 -28.92 -7.45
PB ADP B . -1.44 7.23 2.81
O1B ADP B . -0.99 8.37 3.76
O2B ADP B . -0.34 6.23 2.65
O3B ADP B . -1.97 7.72 1.46
PA ADP B . -3.69 5.53 3.59
O1A ADP B . -5.13 6.03 3.82
O2A ADP B . -3.41 4.90 2.25
O3A ADP B . -2.65 6.77 3.76
O5' ADP B . -3.34 4.56 4.80
C5' ADP B . -2.26 3.62 4.73
C4' ADP B . -2.62 2.43 5.60
O4' ADP B . -2.53 2.80 6.99
C3' ADP B . -4.03 1.90 5.34
O3' ADP B . -4.03 0.47 5.26
C2' ADP B . -4.80 2.39 6.56
O2' ADP B . -5.94 1.57 6.91
C1' ADP B . -3.75 2.35 7.63
N9 ADP B . -4.01 3.22 8.79
C8 ADP B . -4.81 4.30 8.88
N7 ADP B . -4.71 4.80 10.14
C5 ADP B . -3.86 4.05 10.85
C6 ADP B . -3.32 4.02 12.21
N6 ADP B . -3.72 5.00 13.08
N1 ADP B . -2.43 3.07 12.56
C2 ADP B . -2.04 2.13 11.65
N3 ADP B . -2.52 2.11 10.39
C4 ADP B . -3.38 3.01 9.94
MG MG C . -3.64 5.24 -0.44
#